data_6JHE
#
_entry.id   6JHE
#
_cell.length_a   61.620
_cell.length_b   61.620
_cell.length_c   119.971
_cell.angle_alpha   90.000
_cell.angle_beta   90.000
_cell.angle_gamma   120.000
#
_symmetry.space_group_name_H-M   'P 65 2 2'
#
loop_
_entity.id
_entity.type
_entity.pdbx_description
1 polymer 'ECF RNA polymerase sigma factor SigW'
2 polymer "DNA (5'-D(P*TP*TP*GP*AP*AP*AP*CP*CP*TP*TP*T)-3')"
3 polymer "DNA (5'-D(*AP*AP*AP*GP*GP*TP*TP*TP*CP*AP*A)-3')"
#
loop_
_entity_poly.entity_id
_entity_poly.type
_entity_poly.pdbx_seq_one_letter_code
_entity_poly.pdbx_strand_id
1 'polypeptide(L)' GSLSNTIQQKILKLPDKYRTVIVLKYIDELSLIEIGEILNIPVGTVKTRIHRGREALRKQLRDL A
2 'polydeoxyribonucleotide' (DT)(DT)(DG)(DA)(DA)(DA)(DC)(DC)(DT)(DT)(DT) B
3 'polydeoxyribonucleotide' (DA)(DA)(DA)(DG)(DG)(DT)(DT)(DT)(DC)(DA)(DA) C
#
# COMPACT_ATOMS: atom_id res chain seq x y z
N ILE A 11 10.90 -3.09 5.97
CA ILE A 11 12.14 -2.44 6.38
C ILE A 11 11.83 -0.99 6.78
N LEU A 12 10.58 -0.54 6.59
CA LEU A 12 10.30 0.86 6.86
C LEU A 12 8.89 1.09 7.38
N LYS A 13 8.81 1.92 8.43
CA LYS A 13 7.56 2.31 9.05
C LYS A 13 7.28 3.79 8.73
N LEU A 14 6.23 4.02 7.96
CA LEU A 14 5.86 5.32 7.42
C LEU A 14 4.48 5.70 7.97
N PRO A 15 3.71 6.55 7.29
CA PRO A 15 2.28 6.65 7.63
C PRO A 15 1.57 5.30 7.61
N ASP A 16 0.54 5.19 8.46
CA ASP A 16 -0.25 3.97 8.54
C ASP A 16 -1.04 3.71 7.26
N LYS A 17 -1.36 4.75 6.50
CA LYS A 17 -2.15 4.57 5.29
C LYS A 17 -1.31 3.91 4.20
N TYR A 18 -0.14 4.48 3.92
CA TYR A 18 0.76 3.92 2.94
C TYR A 18 1.00 2.44 3.18
N ARG A 19 1.44 2.08 4.39
CA ARG A 19 2.02 0.75 4.60
C ARG A 19 0.99 -0.36 4.57
N THR A 20 -0.22 -0.07 5.04
CA THR A 20 -1.25 -1.09 5.03
C THR A 20 -1.37 -1.74 3.66
N VAL A 21 -1.57 -0.95 2.60
CA VAL A 21 -1.86 -1.52 1.27
C VAL A 21 -0.66 -2.25 0.67
N ILE A 22 0.58 -1.81 0.92
CA ILE A 22 1.71 -2.55 0.39
C ILE A 22 1.81 -3.92 1.05
N VAL A 23 1.61 -3.97 2.38
CA VAL A 23 1.52 -5.24 3.11
C VAL A 23 0.40 -6.12 2.55
N LEU A 24 -0.76 -5.52 2.28
CA LEU A 24 -1.91 -6.26 1.81
C LEU A 24 -1.66 -6.87 0.41
N LYS A 25 -1.24 -6.05 -0.56
CA LYS A 25 -1.16 -6.56 -1.94
C LYS A 25 0.06 -7.42 -2.16
N TYR A 26 1.22 -7.02 -1.63
CA TYR A 26 2.41 -7.77 -2.00
C TYR A 26 2.47 -9.10 -1.27
N ILE A 27 2.15 -9.12 0.04
CA ILE A 27 2.40 -10.31 0.84
C ILE A 27 1.41 -11.42 0.51
N ASP A 28 0.11 -11.19 0.77
CA ASP A 28 -0.94 -12.15 0.44
C ASP A 28 -1.43 -12.01 -1.01
N GLU A 29 -0.62 -11.40 -1.89
CA GLU A 29 -1.02 -11.18 -3.28
C GLU A 29 -2.44 -10.65 -3.34
N LEU A 30 -2.78 -9.72 -2.45
CA LEU A 30 -4.12 -9.15 -2.44
C LEU A 30 -4.33 -8.30 -3.70
N SER A 31 -5.35 -8.64 -4.50
CA SER A 31 -5.72 -7.83 -5.65
C SER A 31 -6.05 -6.41 -5.22
N LEU A 32 -6.28 -5.57 -6.23
CA LEU A 32 -6.69 -4.20 -5.95
C LEU A 32 -8.17 -4.15 -5.62
N ILE A 33 -9.00 -4.87 -6.38
CA ILE A 33 -10.41 -4.95 -5.98
C ILE A 33 -10.55 -5.64 -4.63
N GLU A 34 -9.67 -6.62 -4.35
CA GLU A 34 -9.67 -7.29 -3.05
C GLU A 34 -9.36 -6.28 -1.95
N ILE A 35 -8.20 -5.62 -2.05
CA ILE A 35 -7.84 -4.59 -1.09
C ILE A 35 -8.97 -3.60 -0.90
N GLY A 36 -9.62 -3.21 -2.00
CA GLY A 36 -10.77 -2.32 -1.95
C GLY A 36 -11.96 -2.92 -1.22
N GLU A 37 -12.67 -3.81 -1.92
CA GLU A 37 -13.91 -4.42 -1.43
C GLU A 37 -13.80 -4.94 0.00
N ILE A 38 -12.62 -5.43 0.40
CA ILE A 38 -12.45 -5.87 1.78
C ILE A 38 -12.25 -4.67 2.70
N LEU A 39 -11.33 -3.75 2.37
CA LEU A 39 -11.26 -2.48 3.10
C LEU A 39 -12.40 -1.54 2.79
N ASN A 40 -13.26 -1.89 1.84
CA ASN A 40 -14.44 -1.06 1.55
C ASN A 40 -13.99 0.35 1.19
N ILE A 41 -13.15 0.43 0.16
CA ILE A 41 -12.54 1.67 -0.31
C ILE A 41 -12.36 1.57 -1.81
N PRO A 42 -12.45 2.68 -2.53
CA PRO A 42 -12.32 2.64 -4.00
C PRO A 42 -10.97 2.12 -4.52
N VAL A 43 -10.99 1.45 -5.68
CA VAL A 43 -9.76 0.86 -6.21
C VAL A 43 -8.75 1.94 -6.59
N GLY A 44 -9.20 3.02 -7.19
CA GLY A 44 -8.26 4.10 -7.47
C GLY A 44 -7.49 4.51 -6.24
N THR A 45 -8.19 4.58 -5.09
CA THR A 45 -7.51 4.88 -3.85
C THR A 45 -6.48 3.81 -3.50
N VAL A 46 -6.79 2.53 -3.74
CA VAL A 46 -5.79 1.51 -3.50
C VAL A 46 -4.56 1.78 -4.34
N LYS A 47 -4.78 2.21 -5.60
CA LYS A 47 -3.65 2.51 -6.47
C LYS A 47 -2.82 3.66 -5.91
N THR A 48 -3.46 4.69 -5.39
CA THR A 48 -2.67 5.82 -4.92
C THR A 48 -1.95 5.49 -3.61
N ARG A 49 -2.62 4.78 -2.71
CA ARG A 49 -1.93 4.32 -1.49
C ARG A 49 -0.74 3.43 -1.84
N ILE A 50 -0.89 2.57 -2.85
CA ILE A 50 0.23 1.71 -3.18
C ILE A 50 1.34 2.51 -3.82
N HIS A 51 1.00 3.47 -4.69
CA HIS A 51 2.08 4.19 -5.35
C HIS A 51 2.91 4.93 -4.31
N ARG A 52 2.23 5.52 -3.33
CA ARG A 52 2.92 6.37 -2.39
C ARG A 52 3.62 5.54 -1.30
N GLY A 53 3.07 4.37 -0.94
CA GLY A 53 3.81 3.46 -0.09
C GLY A 53 5.12 3.06 -0.74
N ARG A 54 5.11 2.86 -2.05
CA ARG A 54 6.34 2.50 -2.74
C ARG A 54 7.33 3.65 -2.71
N GLU A 55 6.92 4.84 -3.20
CA GLU A 55 7.89 5.92 -3.32
C GLU A 55 8.43 6.33 -1.96
N ALA A 56 7.61 6.17 -0.92
CA ALA A 56 8.08 6.45 0.43
C ALA A 56 9.06 5.39 0.91
N LEU A 57 8.86 4.11 0.55
CA LEU A 57 9.91 3.13 0.84
C LEU A 57 11.21 3.50 0.13
N ARG A 58 11.15 3.73 -1.20
CA ARG A 58 12.30 4.19 -1.96
C ARG A 58 13.08 5.30 -1.24
N LYS A 59 12.44 6.45 -0.99
CA LYS A 59 13.15 7.52 -0.30
C LYS A 59 13.73 7.05 1.03
N GLN A 60 12.95 6.35 1.84
CA GLN A 60 13.43 5.98 3.16
C GLN A 60 13.95 4.54 3.19
N LEU A 61 14.41 4.03 2.06
CA LEU A 61 15.34 2.91 2.00
C LEU A 61 16.80 3.33 1.95
N ARG A 62 17.10 4.60 2.18
CA ARG A 62 18.49 5.05 2.05
C ARG A 62 19.04 5.60 3.36
N ASP A 63 18.96 4.80 4.42
CA ASP A 63 19.30 5.22 5.79
C ASP A 63 20.79 5.20 6.08
#